data_4BQD
#
_entry.id   4BQD
#
_cell.length_a   113.670
_cell.length_b   69.320
_cell.length_c   42.370
_cell.angle_alpha   90.00
_cell.angle_beta   92.97
_cell.angle_gamma   90.00
#
_symmetry.space_group_name_H-M   'C 1 2 1'
#
loop_
_entity.id
_entity.type
_entity.pdbx_description
1 polymer 'TISSUE FACTOR PATHWAY INHIBITOR (LIPOPROTEIN-ASSOCIATED COAGULATION INHIBITOR) VARIANT'
2 polymer PEPTIDE
3 non-polymer GLYCEROL
4 water water
#
loop_
_entity_poly.entity_id
_entity_poly.type
_entity_poly.pdbx_seq_one_letter_code
_entity_poly.pdbx_strand_id
1 'polypeptide(L)' DSEEDEEHTIITDTELPPLKLMHSFCAFKADDGPCKAIMKRFFFNIFTRQCEEFIYGGCEGNQNRFESLEECKKMCTRD A,B
2 'polypeptide(L)' (ACE)FQSKPNVHVDGYFERL(AIB)AKL C,D
#
# COMPACT_ATOMS: atom_id res chain seq x y z
N SER A 2 -4.94 -6.82 32.06
CA SER A 2 -5.13 -6.47 30.63
C SER A 2 -6.14 -7.41 29.99
N GLU A 3 -7.37 -6.95 30.07
CA GLU A 3 -8.50 -7.64 29.49
C GLU A 3 -9.27 -6.52 28.85
N GLU A 4 -9.90 -6.80 27.73
CA GLU A 4 -10.70 -5.80 27.07
C GLU A 4 -11.98 -6.45 26.60
N ASP A 5 -13.00 -5.64 26.43
CA ASP A 5 -14.30 -6.11 25.95
C ASP A 5 -14.89 -5.13 24.97
N GLU A 6 -15.81 -5.62 24.17
CA GLU A 6 -16.31 -4.94 22.98
C GLU A 6 -17.84 -5.02 23.01
N GLU A 7 -18.33 -6.25 23.02
CA GLU A 7 -19.73 -6.57 23.29
C GLU A 7 -19.77 -7.82 24.19
N HIS A 8 -19.10 -8.88 23.74
CA HIS A 8 -18.68 -10.01 24.63
C HIS A 8 -17.18 -9.81 24.92
N THR A 9 -16.64 -10.47 25.95
CA THR A 9 -15.34 -10.02 26.54
C THR A 9 -14.12 -10.98 26.42
N ILE A 10 -12.92 -10.41 26.58
CA ILE A 10 -11.63 -11.09 26.29
C ILE A 10 -10.52 -10.73 27.30
N ILE A 11 -9.70 -11.72 27.68
CA ILE A 11 -8.68 -11.53 28.71
C ILE A 11 -7.25 -11.80 28.22
N THR A 12 -6.31 -10.96 28.66
CA THR A 12 -4.87 -11.27 28.60
C THR A 12 -4.13 -10.78 29.90
N ASP A 13 -2.78 -10.74 29.87
CA ASP A 13 -1.88 -11.07 31.02
C ASP A 13 -1.31 -9.98 31.98
N THR A 14 -1.91 -8.80 32.14
CA THR A 14 -1.36 -7.77 33.09
C THR A 14 -2.41 -6.72 33.48
N GLU A 15 -2.04 -5.63 34.19
CA GLU A 15 -3.05 -4.76 34.88
C GLU A 15 -2.96 -3.21 34.77
N LEU A 16 -3.86 -2.63 33.98
CA LEU A 16 -4.12 -1.19 33.95
C LEU A 16 -5.59 -0.97 33.55
N PRO A 17 -6.36 -0.13 34.30
CA PRO A 17 -7.84 -0.01 34.20
C PRO A 17 -8.43 -0.26 32.80
N PRO A 18 -9.47 -1.11 32.71
CA PRO A 18 -9.74 -1.80 31.44
C PRO A 18 -10.39 -0.99 30.33
N LEU A 19 -10.09 -1.37 29.09
CA LEU A 19 -10.62 -0.66 27.92
C LEU A 19 -11.85 -1.33 27.38
N LYS A 20 -12.93 -0.56 27.21
CA LYS A 20 -14.03 -0.99 26.38
C LYS A 20 -13.71 -0.54 24.96
N LEU A 21 -13.31 -1.48 24.12
CA LEU A 21 -12.86 -1.13 22.77
C LEU A 21 -14.02 -0.81 21.81
N MET A 22 -13.85 0.29 21.08
CA MET A 22 -14.84 0.78 20.11
C MET A 22 -15.18 -0.35 19.14
N HIS A 23 -14.14 -0.91 18.54
CA HIS A 23 -14.24 -2.08 17.68
C HIS A 23 -13.26 -3.15 18.17
N SER A 24 -13.63 -4.41 18.03
CA SER A 24 -12.78 -5.51 18.50
C SER A 24 -11.41 -5.53 17.82
N PHE A 25 -11.37 -5.16 16.55
CA PHE A 25 -10.13 -5.28 15.78
C PHE A 25 -9.01 -4.37 16.30
N CYS A 26 -9.35 -3.33 17.07
CA CYS A 26 -8.33 -2.43 17.64
C CYS A 26 -7.35 -3.17 18.55
N ALA A 27 -7.71 -4.38 18.97
CA ALA A 27 -6.85 -5.24 19.82
C ALA A 27 -6.18 -6.37 19.06
N PHE A 28 -6.43 -6.49 17.76
CA PHE A 28 -5.72 -7.47 16.90
C PHE A 28 -4.24 -7.14 16.76
N LYS A 29 -3.41 -8.15 16.68
CA LYS A 29 -2.01 -7.93 16.43
C LYS A 29 -1.79 -7.25 15.06
N ALA A 30 -0.73 -6.48 14.97
CA ALA A 30 -0.36 -5.83 13.73
C ALA A 30 0.12 -6.92 12.78
N ASP A 31 -0.40 -6.89 11.55
CA ASP A 31 -0.15 -7.92 10.58
C ASP A 31 0.43 -7.35 9.27
N ASP A 32 1.68 -7.70 8.97
CA ASP A 32 2.32 -7.28 7.71
C ASP A 32 1.70 -7.91 6.47
N GLY A 33 1.06 -9.06 6.64
CA GLY A 33 0.57 -9.84 5.50
C GLY A 33 1.70 -10.42 4.68
N PRO A 34 1.37 -11.19 3.63
CA PRO A 34 2.36 -11.96 2.87
C PRO A 34 3.10 -11.24 1.73
N CYS A 35 2.62 -10.07 1.32
CA CYS A 35 3.27 -9.35 0.21
C CYS A 35 4.52 -8.65 0.73
N LYS A 36 5.37 -8.19 -0.18
CA LYS A 36 6.74 -7.83 0.20
C LYS A 36 7.06 -6.34 0.19
N ALA A 37 6.06 -5.51 -0.05
CA ALA A 37 6.25 -4.06 -0.05
C ALA A 37 6.57 -3.55 1.35
N ILE A 38 6.92 -2.26 1.39
CA ILE A 38 7.28 -1.56 2.60
C ILE A 38 6.41 -0.31 2.73
N MET A 39 5.27 -0.50 3.38
CA MET A 39 4.27 0.56 3.54
C MET A 39 4.13 0.94 5.01
N LYS A 40 4.41 2.20 5.31
CA LYS A 40 4.30 2.70 6.67
C LYS A 40 2.82 2.87 7.01
N ARG A 41 2.38 2.22 8.06
CA ARG A 41 0.97 2.27 8.48
C ARG A 41 0.92 2.35 10.01
N PHE A 42 -0.28 2.53 10.54
CA PHE A 42 -0.47 2.70 11.98
C PHE A 42 -1.45 1.69 12.53
N PHE A 43 -1.27 1.32 13.80
CA PHE A 43 -2.15 0.38 14.47
C PHE A 43 -2.23 0.74 15.96
N PHE A 44 -3.32 0.30 16.62
CA PHE A 44 -3.49 0.57 18.04
C PHE A 44 -2.89 -0.54 18.89
N ASN A 45 -1.98 -0.13 19.76
CA ASN A 45 -1.33 -1.01 20.70
C ASN A 45 -2.06 -0.90 22.04
N ILE A 46 -2.76 -1.96 22.44
CA ILE A 46 -3.58 -1.96 23.67
C ILE A 46 -2.76 -1.95 24.95
N PHE A 47 -1.46 -2.23 24.86
CA PHE A 47 -0.60 -2.27 26.05
C PHE A 47 0.09 -0.95 26.34
N THR A 48 0.42 -0.19 25.31
CA THR A 48 0.90 1.20 25.49
C THR A 48 -0.26 2.20 25.35
N ARG A 49 -1.38 1.72 24.82
CA ARG A 49 -2.61 2.51 24.62
C ARG A 49 -2.35 3.72 23.73
N GLN A 50 -1.56 3.48 22.70
CA GLN A 50 -1.17 4.48 21.73
C GLN A 50 -1.34 3.86 20.39
N CYS A 51 -1.52 4.71 19.39
CA CYS A 51 -1.43 4.32 18.00
C CYS A 51 0.05 4.27 17.63
N GLU A 52 0.49 3.20 16.99
CA GLU A 52 1.91 3.02 16.68
C GLU A 52 2.19 2.66 15.23
N GLU A 53 3.42 2.89 14.80
CA GLU A 53 3.82 2.59 13.42
C GLU A 53 4.10 1.12 13.21
N PHE A 54 3.73 0.62 12.05
CA PHE A 54 4.27 -0.68 11.60
C PHE A 54 4.40 -0.70 10.08
N ILE A 55 5.03 -1.75 9.56
CA ILE A 55 5.29 -1.89 8.13
C ILE A 55 4.33 -2.93 7.54
N TYR A 56 3.54 -2.50 6.57
CA TYR A 56 2.52 -3.36 5.94
C TYR A 56 3.07 -3.80 4.58
N GLY A 57 2.85 -5.04 4.19
CA GLY A 57 3.40 -5.55 2.93
C GLY A 57 2.57 -5.20 1.71
N GLY A 58 1.35 -4.71 1.93
CA GLY A 58 0.51 -4.23 0.83
C GLY A 58 -0.74 -5.03 0.54
N CYS A 59 -0.82 -6.23 1.06
CA CYS A 59 -1.96 -7.06 0.80
C CYS A 59 -2.41 -7.85 2.04
N GLU A 60 -3.70 -8.18 2.08
CA GLU A 60 -4.30 -8.95 3.17
C GLU A 60 -4.13 -8.23 4.53
N GLY A 61 -3.89 -8.97 5.61
CA GLY A 61 -3.74 -8.37 6.93
C GLY A 61 -5.07 -8.33 7.63
N ASN A 62 -5.26 -7.32 8.46
CA ASN A 62 -6.52 -7.20 9.23
C ASN A 62 -6.89 -5.74 9.38
N GLN A 63 -7.96 -5.45 10.12
CA GLN A 63 -8.51 -4.10 10.15
C GLN A 63 -7.73 -3.10 11.01
N ASN A 64 -6.79 -3.58 11.82
CA ASN A 64 -6.04 -2.70 12.74
C ASN A 64 -4.86 -2.08 12.03
N ARG A 65 -5.19 -1.22 11.07
CA ARG A 65 -4.23 -0.79 10.07
C ARG A 65 -4.75 0.51 9.50
N PHE A 66 -4.00 1.58 9.68
CA PHE A 66 -4.46 2.91 9.26
C PHE A 66 -3.37 3.68 8.55
N GLU A 67 -3.78 4.57 7.66
CA GLU A 67 -2.86 5.35 6.83
C GLU A 67 -2.27 6.53 7.62
N SER A 68 -2.85 6.84 8.75
CA SER A 68 -2.40 7.98 9.54
C SER A 68 -2.66 7.80 11.02
N LEU A 69 -1.88 8.53 11.80
CA LEU A 69 -2.07 8.63 13.23
C LEU A 69 -3.49 9.05 13.56
N GLU A 70 -3.99 10.05 12.83
CA GLU A 70 -5.30 10.63 13.10
C GLU A 70 -6.44 9.65 12.76
N GLU A 71 -6.33 9.01 11.61
CA GLU A 71 -7.30 8.00 11.17
C GLU A 71 -7.41 6.88 12.23
N CYS A 72 -6.27 6.56 12.85
CA CYS A 72 -6.17 5.50 13.89
C CYS A 72 -6.81 5.91 15.21
N LYS A 73 -6.58 7.16 15.61
CA LYS A 73 -7.23 7.74 16.79
C LYS A 73 -8.75 7.68 16.65
N LYS A 74 -9.25 8.12 15.50
CA LYS A 74 -10.70 8.17 15.24
C LYS A 74 -11.39 6.83 15.47
N MET A 75 -10.74 5.74 15.07
CA MET A 75 -11.34 4.40 15.10
C MET A 75 -11.14 3.66 16.41
N CYS A 76 -10.03 3.93 17.07
CA CYS A 76 -9.59 3.17 18.25
C CYS A 76 -9.39 4.02 19.52
N THR A 77 -10.11 5.13 19.64
CA THR A 77 -9.95 6.07 20.78
C THR A 77 -11.21 6.91 20.98
N ARG A 78 -11.59 7.14 22.24
CA ARG A 78 -12.77 7.95 22.60
C ARG A 78 -12.38 9.33 23.13
N ASP A 79 -13.72 9.18 22.74
CA ASP A 79 -14.09 10.45 23.35
C ASP A 79 -14.96 10.19 24.59
N GLU B 15 21.05 5.18 -31.82
CA GLU B 15 21.49 4.36 -32.97
C GLU B 15 20.70 3.05 -33.06
N LEU B 16 19.42 3.15 -33.39
CA LEU B 16 18.51 1.99 -33.41
C LEU B 16 17.25 2.25 -34.25
N PRO B 17 16.73 1.21 -34.92
CA PRO B 17 15.53 1.38 -35.75
C PRO B 17 14.41 2.13 -35.05
N PRO B 18 13.84 3.14 -35.72
CA PRO B 18 12.75 3.93 -35.16
C PRO B 18 11.45 3.16 -35.04
N LEU B 19 10.61 3.56 -34.10
CA LEU B 19 9.31 2.92 -33.89
C LEU B 19 8.22 3.68 -34.60
N LYS B 20 7.46 2.99 -35.45
CA LYS B 20 6.17 3.53 -35.87
C LYS B 20 5.16 3.01 -34.85
N LEU B 21 4.69 3.90 -33.99
CA LEU B 21 3.80 3.48 -32.92
C LEU B 21 2.38 3.16 -33.39
N MET B 22 1.90 2.01 -32.92
CA MET B 22 0.57 1.50 -33.25
C MET B 22 -0.46 2.59 -32.94
N HIS B 23 -0.42 3.06 -31.69
CA HIS B 23 -1.23 4.17 -31.22
C HIS B 23 -0.32 5.23 -30.58
N SER B 24 -0.69 6.49 -30.72
CA SER B 24 0.11 7.60 -30.18
C SER B 24 0.28 7.54 -28.65
N PHE B 25 -0.75 7.07 -27.95
CA PHE B 25 -0.72 7.08 -26.49
C PHE B 25 0.36 6.16 -25.91
N CYS B 26 0.86 5.20 -26.69
CA CYS B 26 1.93 4.29 -26.20
C CYS B 26 3.20 5.05 -25.82
N ALA B 27 3.31 6.30 -26.29
CA ALA B 27 4.46 7.17 -25.99
C ALA B 27 4.16 8.24 -24.94
N PHE B 28 2.93 8.27 -24.43
CA PHE B 28 2.57 9.16 -23.32
C PHE B 28 3.27 8.76 -22.04
N LYS B 29 3.64 9.74 -21.22
CA LYS B 29 4.18 9.45 -19.92
C LYS B 29 3.17 8.70 -19.03
N ALA B 30 3.71 7.88 -18.15
CA ALA B 30 2.88 7.14 -17.22
C ALA B 30 2.30 8.13 -16.23
N ASP B 31 1.00 8.04 -16.04
CA ASP B 31 0.26 8.98 -15.21
C ASP B 31 -0.48 8.31 -14.05
N ASP B 32 -0.05 8.60 -12.83
CA ASP B 32 -0.75 8.10 -11.62
C ASP B 32 -2.13 8.72 -11.40
N GLY B 33 -2.36 9.89 -11.97
CA GLY B 33 -3.64 10.58 -11.73
C GLY B 33 -3.72 11.07 -10.30
N PRO B 34 -4.81 11.76 -9.95
CA PRO B 34 -4.86 12.47 -8.67
C PRO B 34 -5.37 11.69 -7.47
N CYS B 35 -6.00 10.55 -7.71
CA CYS B 35 -6.54 9.75 -6.61
C CYS B 35 -5.39 9.02 -5.90
N LYS B 36 -5.66 8.44 -4.75
CA LYS B 36 -4.58 8.06 -3.82
C LYS B 36 -4.36 6.59 -3.65
N ALA B 37 -5.09 5.79 -4.40
CA ALA B 37 -4.96 4.33 -4.32
C ALA B 37 -3.62 3.86 -4.81
N ILE B 38 -3.38 2.57 -4.63
CA ILE B 38 -2.16 1.91 -5.04
C ILE B 38 -2.52 0.73 -5.94
N MET B 39 -2.60 1.00 -7.23
CA MET B 39 -2.98 0.01 -8.22
C MET B 39 -1.84 -0.29 -9.18
N LYS B 40 -1.38 -1.52 -9.18
CA LYS B 40 -0.29 -1.95 -10.04
C LYS B 40 -0.81 -2.04 -11.46
N ARG B 41 -0.17 -1.33 -12.37
CA ARG B 41 -0.57 -1.28 -13.77
C ARG B 41 0.69 -1.29 -14.64
N PHE B 42 0.50 -1.42 -15.94
CA PHE B 42 1.63 -1.51 -16.88
C PHE B 42 1.53 -0.40 -17.92
N PHE B 43 2.67 0.05 -18.41
CA PHE B 43 2.73 1.06 -19.49
C PHE B 43 3.95 0.80 -20.37
N PHE B 44 3.91 1.32 -21.59
CA PHE B 44 5.01 1.15 -22.53
C PHE B 44 6.02 2.29 -22.41
N ASN B 45 7.25 1.90 -22.15
CA ASN B 45 8.38 2.81 -22.08
C ASN B 45 9.08 2.79 -23.45
N ILE B 46 8.97 3.89 -24.19
CA ILE B 46 9.56 3.98 -25.54
C ILE B 46 11.08 4.01 -25.56
N PHE B 47 11.71 4.25 -24.41
CA PHE B 47 13.17 4.34 -24.35
C PHE B 47 13.86 3.03 -24.00
N THR B 48 13.21 2.20 -23.21
CA THR B 48 13.68 0.82 -22.98
C THR B 48 12.95 -0.16 -23.91
N ARG B 49 11.89 0.32 -24.54
CA ARG B 49 11.06 -0.45 -25.47
C ARG B 49 10.53 -1.72 -24.82
N GLN B 50 10.12 -1.55 -23.58
CA GLN B 50 9.54 -2.62 -22.79
C GLN B 50 8.29 -2.08 -22.16
N CYS B 51 7.38 -2.99 -21.84
CA CYS B 51 6.23 -2.68 -21.00
C CYS B 51 6.71 -2.71 -19.54
N GLU B 52 6.38 -1.69 -18.76
CA GLU B 52 6.91 -1.56 -17.39
C GLU B 52 5.81 -1.29 -16.37
N GLU B 53 6.09 -1.61 -15.11
CA GLU B 53 5.13 -1.42 -14.03
C GLU B 53 5.07 0.02 -13.59
N PHE B 54 3.87 0.46 -13.25
CA PHE B 54 3.73 1.69 -12.49
C PHE B 54 2.52 1.63 -11.58
N ILE B 55 2.40 2.62 -10.68
CA ILE B 55 1.33 2.65 -9.67
C ILE B 55 0.29 3.68 -10.05
N TYR B 56 -0.95 3.24 -10.25
CA TYR B 56 -2.04 4.09 -10.72
C TYR B 56 -2.90 4.43 -9.50
N GLY B 57 -3.37 5.68 -9.41
CA GLY B 57 -4.11 6.12 -8.22
C GLY B 57 -5.58 5.77 -8.26
N GLY B 58 -6.06 5.34 -9.42
CA GLY B 58 -7.42 4.81 -9.54
C GLY B 58 -8.37 5.64 -10.36
N CYS B 59 -8.00 6.87 -10.66
CA CYS B 59 -8.87 7.72 -11.45
C CYS B 59 -8.11 8.58 -12.47
N GLU B 60 -8.80 8.96 -13.53
CA GLU B 60 -8.24 9.77 -14.60
C GLU B 60 -7.02 9.08 -15.23
N GLY B 61 -5.99 9.83 -15.55
CA GLY B 61 -4.80 9.28 -16.17
C GLY B 61 -4.93 9.34 -17.68
N ASN B 62 -4.26 8.42 -18.37
CA ASN B 62 -4.31 8.42 -19.84
C ASN B 62 -4.32 6.98 -20.32
N GLN B 63 -4.27 6.78 -21.62
CA GLN B 63 -4.51 5.43 -22.18
C GLN B 63 -3.33 4.46 -22.07
N ASN B 64 -2.15 4.97 -21.72
CA ASN B 64 -0.94 4.14 -21.63
C ASN B 64 -0.89 3.45 -20.27
N ARG B 65 -1.83 2.54 -20.08
CA ARG B 65 -2.15 2.01 -18.77
C ARG B 65 -2.87 0.69 -18.99
N PHE B 66 -2.26 -0.40 -18.53
CA PHE B 66 -2.82 -1.73 -18.79
C PHE B 66 -2.80 -2.56 -17.53
N GLU B 67 -3.72 -3.51 -17.47
CA GLU B 67 -3.88 -4.38 -16.28
C GLU B 67 -2.86 -5.51 -16.29
N SER B 68 -2.21 -5.73 -17.42
CA SER B 68 -1.28 -6.85 -17.55
C SER B 68 -0.17 -6.58 -18.55
N LEU B 69 0.94 -7.30 -18.36
CA LEU B 69 2.05 -7.27 -19.30
C LEU B 69 1.56 -7.61 -20.70
N GLU B 70 0.71 -8.62 -20.80
CA GLU B 70 0.26 -9.13 -22.10
C GLU B 70 -0.68 -8.13 -22.80
N GLU B 71 -1.62 -7.57 -22.03
CA GLU B 71 -2.56 -6.56 -22.54
C GLU B 71 -1.77 -5.35 -23.10
N CYS B 72 -0.65 -5.04 -22.47
CA CYS B 72 0.25 -3.94 -22.88
C CYS B 72 1.03 -4.24 -24.16
N LYS B 73 1.54 -5.46 -24.27
CA LYS B 73 2.21 -5.94 -25.49
C LYS B 73 1.25 -5.82 -26.69
N LYS B 74 0.04 -6.32 -26.52
CA LYS B 74 -0.96 -6.33 -27.60
C LYS B 74 -1.20 -4.96 -28.22
N MET B 75 -1.22 -3.93 -27.40
CA MET B 75 -1.58 -2.58 -27.83
C MET B 75 -0.39 -1.75 -28.33
N CYS B 76 0.79 -2.03 -27.78
CA CYS B 76 1.98 -1.20 -27.98
C CYS B 76 3.19 -1.99 -28.52
N THR B 77 2.94 -3.06 -29.28
CA THR B 77 4.02 -3.92 -29.82
C THR B 77 3.52 -4.69 -31.05
N ARG B 78 4.39 -4.84 -32.05
CA ARG B 78 4.04 -5.58 -33.29
C ARG B 78 4.69 -6.96 -33.35
N ASP B 79 5.02 -6.79 -32.73
CA ASP B 79 5.29 -8.23 -32.84
C ASP B 79 6.78 -8.46 -32.62
N PHE C 2 -5.51 -11.80 19.13
CA PHE C 2 -5.44 -10.58 19.93
C PHE C 2 -4.03 -10.36 20.38
N GLN C 3 -3.70 -9.11 20.62
CA GLN C 3 -2.39 -8.76 21.14
C GLN C 3 -2.24 -9.41 22.50
N SER C 4 -1.02 -9.84 22.81
CA SER C 4 -0.69 -10.31 24.16
C SER C 4 0.53 -9.53 24.63
N LYS C 5 0.76 -9.54 25.94
CA LYS C 5 1.79 -8.70 26.57
C LYS C 5 3.15 -8.89 25.91
N PRO C 6 3.78 -7.78 25.47
CA PRO C 6 4.85 -7.81 24.53
C PRO C 6 4.96 -8.64 23.31
N ASN C 7 3.78 -8.89 22.78
CA ASN C 7 3.62 -9.56 21.52
C ASN C 7 2.44 -8.90 20.83
N VAL C 8 2.71 -7.75 20.22
CA VAL C 8 1.65 -6.98 19.55
C VAL C 8 1.68 -7.13 18.02
N HIS C 9 2.58 -7.97 17.52
CA HIS C 9 2.72 -8.25 16.10
C HIS C 9 2.50 -9.72 15.86
N VAL C 10 2.06 -10.07 14.66
CA VAL C 10 1.91 -11.49 14.27
C VAL C 10 3.25 -12.20 14.21
N ASP C 11 3.19 -13.53 14.32
CA ASP C 11 4.37 -14.38 14.24
C ASP C 11 5.17 -14.11 12.96
N GLY C 12 6.48 -13.93 13.14
CA GLY C 12 7.40 -13.73 12.03
C GLY C 12 7.44 -12.32 11.48
N TYR C 13 6.78 -11.38 12.16
CA TYR C 13 6.78 -9.98 11.68
C TYR C 13 8.20 -9.45 11.52
N PHE C 14 8.99 -9.64 12.56
CA PHE C 14 10.33 -9.07 12.63
C PHE C 14 11.32 -9.77 11.72
N GLU C 15 11.15 -11.07 11.54
CA GLU C 15 11.97 -11.85 10.62
C GLU C 15 11.72 -11.47 9.16
N ARG C 16 10.45 -11.41 8.78
CA ARG C 16 10.07 -10.90 7.45
C ARG C 16 10.51 -9.45 7.23
N LEU C 17 10.39 -8.62 8.26
CA LEU C 17 10.76 -7.21 8.15
C LEU C 17 12.26 -7.11 7.85
N ALA C 19 14.20 -8.99 6.24
CA ALA C 19 14.51 -9.34 4.86
C ALA C 19 14.12 -8.22 3.91
N LYS C 20 13.08 -7.47 4.24
CA LYS C 20 12.66 -6.36 3.38
C LYS C 20 13.62 -5.19 3.44
N LEU C 21 14.11 -4.90 4.64
CA LEU C 21 14.92 -3.70 4.86
C LEU C 21 16.35 -4.00 4.54
N PHE D 2 4.41 13.76 -23.85
CA PHE D 2 5.11 12.58 -24.38
C PHE D 2 6.29 12.28 -23.50
N GLN D 3 6.68 11.02 -23.49
CA GLN D 3 7.87 10.62 -22.78
C GLN D 3 9.08 11.32 -23.39
N SER D 4 10.03 11.68 -22.55
CA SER D 4 11.34 12.18 -22.99
C SER D 4 12.43 11.37 -22.29
N LYS D 5 13.65 11.44 -22.82
CA LYS D 5 14.76 10.60 -22.35
C LYS D 5 14.95 10.67 -20.83
N PRO D 6 14.95 9.51 -20.14
CA PRO D 6 14.75 9.43 -18.74
C PRO D 6 13.79 10.21 -17.92
N ASN D 7 12.68 10.50 -18.58
CA ASN D 7 11.55 11.10 -17.99
C ASN D 7 10.32 10.46 -18.62
N VAL D 8 9.97 9.28 -18.14
CA VAL D 8 8.83 8.54 -18.68
C VAL D 8 7.57 8.59 -17.79
N HIS D 9 7.62 9.39 -16.73
CA HIS D 9 6.47 9.56 -15.83
C HIS D 9 6.13 11.03 -15.76
N VAL D 10 4.86 11.33 -15.46
CA VAL D 10 4.40 12.71 -15.25
C VAL D 10 5.06 13.34 -14.02
N ASP D 11 5.08 14.66 -14.01
CA ASP D 11 5.69 15.41 -12.93
C ASP D 11 5.07 15.01 -11.61
N GLY D 12 5.93 14.76 -10.63
CA GLY D 12 5.51 14.48 -9.27
C GLY D 12 5.09 13.05 -9.04
N TYR D 13 5.28 12.19 -10.03
CA TYR D 13 4.87 10.77 -9.89
C TYR D 13 5.51 10.15 -8.65
N PHE D 14 6.82 10.34 -8.54
CA PHE D 14 7.60 9.70 -7.49
C PHE D 14 7.39 10.33 -6.12
N GLU D 15 7.17 11.66 -6.08
CA GLU D 15 6.89 12.34 -4.81
C GLU D 15 5.52 11.93 -4.27
N ARG D 16 4.50 11.92 -5.13
CA ARG D 16 3.18 11.42 -4.72
C ARG D 16 3.23 9.96 -4.28
N LEU D 17 4.00 9.12 -4.98
CA LEU D 17 4.16 7.69 -4.61
C LEU D 17 4.75 7.55 -3.22
N ALA D 19 4.48 9.41 -0.69
CA ALA D 19 3.51 9.74 0.35
C ALA D 19 2.49 8.64 0.53
N LYS D 20 2.18 7.89 -0.53
CA LYS D 20 1.24 6.77 -0.42
C LYS D 20 1.80 5.61 0.37
N LEU D 21 3.09 5.35 0.16
CA LEU D 21 3.76 4.19 0.77
C LEU D 21 4.30 4.64 2.11
#